data_6PS0
#
_entry.id   6PS0
#
_cell.length_a   41.540
_cell.length_b   75.800
_cell.length_c   170.380
_cell.angle_alpha   90.000
_cell.angle_beta   90.000
_cell.angle_gamma   90.000
#
_symmetry.space_group_name_H-M   'P 21 21 21'
#
loop_
_entity.id
_entity.type
_entity.pdbx_description
1 polymer 'Fusion protein of Beta-2 adrenergic receptor and T4 Lysozyme'
2 non-polymer (2S)-1-(9H-Carbazol-4-yloxy)-3-(isopropylamino)propan-2-ol
3 non-polymer 'SULFATE ION'
4 non-polymer CHOLESTEROL
5 non-polymer '(2R)-2,3-dihydroxypropyl (9Z)-octadec-9-enoate'
6 non-polymer 'OLEIC ACID'
#
_entity_poly.entity_id   1
_entity_poly.type   'polypeptide(L)'
_entity_poly.pdbx_seq_one_letter_code
;MKTIIALSYIFCLVFADYKDDDDAMGQPGNGSAFLLAPNRSHAPDHDVTQQRDEVWVVGMGIVMSLIVLAIVFGNVLVIT
AIAKFERLQTVTNYFITSLACADLVMGLAVVPFGAAHILMKMWTFGNFWCEFWTSIDVLCVTASIWTLCVIAVDRYFAIT
SPFKYQSLLTKNKARVIILMVWIVSGLTSFLPIQMHWYRATHQEAINCYAEETCCDFFTNQAYAIASSIVSFYVPLVIMV
FVYSRVFQEAKRQLNIFEMLRIDEGLRLKIYKDTEGYYTIGIGHLLTKSPSLNAAKSELDKAIGRNTNGVITKDEAEKLF
NQDVDAAVRGILRNAKLKPVYDSLDAVRRAALINMVFQMGETGVAGFTNSLRMLQQKRWDEAAVNLAKSRWYNQTPNRAK
RVITTFRTGTWDAYKFCLKEHKALKTLGIIMGTFTLCWLPFFIVNIVHVIQDNLIRKEVYILLNWIGYVNSGFNPLIYCR
SPDFRIAFQELLCLRRSSLKHHHHHH
;
_entity_poly.pdbx_strand_id   A
#
# COMPACT_ATOMS: atom_id res chain seq x y z
N VAL A 55 23.49 1.73 35.10
CA VAL A 55 24.23 1.84 33.84
C VAL A 55 23.31 1.42 32.69
N TRP A 56 22.42 0.46 32.94
CA TRP A 56 21.43 -0.04 31.99
C TRP A 56 20.38 1.04 31.72
N VAL A 57 19.84 1.63 32.80
CA VAL A 57 18.78 2.66 32.83
C VAL A 57 19.11 3.85 31.90
N VAL A 58 20.33 4.43 32.01
CA VAL A 58 20.78 5.58 31.20
C VAL A 58 20.71 5.21 29.71
N GLY A 59 21.27 4.05 29.35
CA GLY A 59 21.25 3.54 27.99
C GLY A 59 19.87 3.17 27.48
N MET A 60 18.99 2.73 28.40
CA MET A 60 17.62 2.35 28.08
C MET A 60 16.76 3.56 27.79
N GLY A 61 16.99 4.63 28.55
CA GLY A 61 16.28 5.89 28.40
C GLY A 61 16.54 6.56 27.07
N ILE A 62 17.82 6.59 26.63
CA ILE A 62 18.25 7.22 25.37
C ILE A 62 17.60 6.51 24.16
N VAL A 63 17.43 5.16 24.23
CA VAL A 63 16.78 4.36 23.18
C VAL A 63 15.31 4.80 23.07
N MET A 64 14.63 4.90 24.22
CA MET A 64 13.23 5.30 24.34
C MET A 64 13.02 6.77 23.96
N SER A 65 13.97 7.66 24.32
CA SER A 65 13.93 9.09 24.00
C SER A 65 13.92 9.30 22.50
N LEU A 66 14.73 8.51 21.78
CA LEU A 66 14.81 8.56 20.33
C LEU A 66 13.57 7.93 19.72
N ILE A 67 13.01 6.87 20.35
CA ILE A 67 11.78 6.21 19.89
C ILE A 67 10.66 7.26 19.87
N VAL A 68 10.51 8.05 20.98
CA VAL A 68 9.51 9.11 21.16
C VAL A 68 9.62 10.17 20.05
N LEU A 69 10.80 10.78 19.89
CA LEU A 69 11.05 11.83 18.90
C LEU A 69 10.86 11.34 17.47
N ALA A 70 11.25 10.07 17.18
CA ALA A 70 11.08 9.46 15.87
C ALA A 70 9.60 9.32 15.49
N ILE A 71 8.75 9.05 16.50
CA ILE A 71 7.31 8.93 16.31
C ILE A 71 6.73 10.32 16.09
N VAL A 72 6.98 11.26 17.03
CA VAL A 72 6.44 12.62 17.03
C VAL A 72 6.80 13.34 15.72
N PHE A 73 8.11 13.54 15.43
CA PHE A 73 8.56 14.24 14.22
C PHE A 73 8.14 13.54 12.93
N GLY A 74 8.06 12.21 12.97
CA GLY A 74 7.65 11.39 11.83
C GLY A 74 6.20 11.67 11.48
N ASN A 75 5.31 11.45 12.46
CA ASN A 75 3.86 11.64 12.32
C ASN A 75 3.47 13.12 12.21
N VAL A 76 4.35 14.05 12.64
CA VAL A 76 4.05 15.46 12.44
C VAL A 76 4.21 15.73 10.95
N LEU A 77 5.35 15.33 10.38
CA LEU A 77 5.70 15.51 8.97
C LEU A 77 4.67 14.91 8.02
N VAL A 78 4.02 13.79 8.43
CA VAL A 78 2.99 13.11 7.64
C VAL A 78 1.72 13.98 7.63
N ILE A 79 1.24 14.40 8.82
CA ILE A 79 0.01 15.21 8.95
C ILE A 79 0.24 16.57 8.26
N THR A 80 1.41 17.21 8.50
CA THR A 80 1.81 18.52 7.93
C THR A 80 1.76 18.50 6.40
N ALA A 81 2.21 17.39 5.78
CA ALA A 81 2.21 17.21 4.33
C ALA A 81 0.78 17.13 3.77
N ILE A 82 -0.11 16.35 4.39
CA ILE A 82 -1.51 16.22 3.93
C ILE A 82 -2.26 17.55 4.21
N ALA A 83 -1.96 18.22 5.34
CA ALA A 83 -2.61 19.49 5.72
C ALA A 83 -2.25 20.66 4.79
N LYS A 84 -1.12 20.56 4.03
CA LYS A 84 -0.64 21.65 3.16
C LYS A 84 -0.65 21.28 1.66
N PHE A 85 -0.17 20.08 1.30
CA PHE A 85 -0.09 19.67 -0.11
C PHE A 85 -1.42 19.22 -0.66
N GLU A 86 -1.75 19.80 -1.81
CA GLU A 86 -2.98 19.64 -2.60
C GLU A 86 -3.19 18.22 -3.11
N ARG A 87 -2.18 17.61 -3.76
CA ARG A 87 -2.27 16.25 -4.32
C ARG A 87 -2.31 15.18 -3.22
N LEU A 88 -1.93 15.55 -1.98
CA LEU A 88 -1.93 14.65 -0.85
C LEU A 88 -3.29 14.64 -0.13
N GLN A 89 -4.19 15.59 -0.45
CA GLN A 89 -5.51 15.65 0.14
C GLN A 89 -6.47 14.73 -0.63
N THR A 90 -6.50 13.46 -0.21
CA THR A 90 -7.33 12.40 -0.79
C THR A 90 -8.01 11.60 0.32
N VAL A 91 -9.10 10.90 -0.03
CA VAL A 91 -9.90 10.05 0.86
C VAL A 91 -8.98 9.05 1.61
N THR A 92 -8.14 8.30 0.86
CA THR A 92 -7.20 7.30 1.40
C THR A 92 -6.14 8.00 2.29
N ASN A 93 -5.69 9.21 1.91
CA ASN A 93 -4.71 9.93 2.74
C ASN A 93 -5.38 10.63 3.92
N TYR A 94 -6.73 10.65 3.96
CA TYR A 94 -7.47 11.22 5.08
C TYR A 94 -7.51 10.21 6.19
N PHE A 95 -7.65 8.93 5.84
CA PHE A 95 -7.63 7.82 6.80
C PHE A 95 -6.20 7.64 7.29
N ILE A 96 -5.19 7.91 6.43
CA ILE A 96 -3.76 7.86 6.78
C ILE A 96 -3.48 8.93 7.85
N THR A 97 -4.15 10.12 7.76
CA THR A 97 -4.07 11.22 8.74
C THR A 97 -4.66 10.78 10.08
N SER A 98 -5.72 9.93 10.04
CA SER A 98 -6.39 9.41 11.22
C SER A 98 -5.50 8.44 12.00
N LEU A 99 -4.69 7.60 11.30
CA LEU A 99 -3.79 6.67 11.99
C LEU A 99 -2.45 7.37 12.37
N ALA A 100 -1.98 8.34 11.56
CA ALA A 100 -0.78 9.12 11.92
C ALA A 100 -1.09 9.97 13.17
N CYS A 101 -2.38 10.41 13.33
CA CYS A 101 -2.89 11.14 14.50
C CYS A 101 -2.82 10.24 15.71
N ALA A 102 -3.37 9.00 15.61
CA ALA A 102 -3.37 7.99 16.67
C ALA A 102 -1.93 7.66 17.10
N ASP A 103 -1.00 7.64 16.13
CA ASP A 103 0.42 7.38 16.36
C ASP A 103 1.08 8.56 17.06
N LEU A 104 0.67 9.80 16.74
CA LEU A 104 1.21 11.01 17.36
C LEU A 104 0.72 11.12 18.82
N VAL A 105 -0.58 10.82 19.08
CA VAL A 105 -1.21 10.81 20.42
C VAL A 105 -0.50 9.73 21.25
N MET A 106 -0.16 8.61 20.59
CA MET A 106 0.60 7.49 21.15
C MET A 106 2.02 7.97 21.52
N GLY A 107 2.68 8.65 20.59
CA GLY A 107 4.04 9.16 20.77
C GLY A 107 4.17 10.35 21.71
N LEU A 108 3.04 10.97 22.13
CA LEU A 108 3.06 12.13 23.03
C LEU A 108 2.44 11.85 24.42
N ALA A 109 1.28 11.17 24.46
CA ALA A 109 0.56 10.90 25.70
C ALA A 109 0.72 9.45 26.21
N VAL A 110 1.22 8.54 25.37
CA VAL A 110 1.33 7.15 25.78
C VAL A 110 2.81 6.76 25.97
N VAL A 111 3.60 6.68 24.87
CA VAL A 111 5.01 6.28 24.87
C VAL A 111 5.84 7.09 25.90
N PRO A 112 5.68 8.44 26.09
CA PRO A 112 6.50 9.13 27.11
C PRO A 112 6.16 8.69 28.54
N PHE A 113 4.85 8.53 28.87
CA PHE A 113 4.43 8.11 30.20
C PHE A 113 4.76 6.64 30.47
N GLY A 114 4.72 5.80 29.43
CA GLY A 114 5.06 4.38 29.48
C GLY A 114 6.52 4.11 29.77
N ALA A 115 7.42 4.95 29.18
CA ALA A 115 8.88 4.90 29.36
C ALA A 115 9.27 5.26 30.80
N ALA A 116 8.54 6.22 31.41
CA ALA A 116 8.75 6.66 32.78
C ALA A 116 8.39 5.57 33.77
N HIS A 117 7.25 4.88 33.54
CA HIS A 117 6.73 3.79 34.36
C HIS A 117 7.69 2.59 34.38
N ILE A 118 8.66 2.55 33.44
CA ILE A 118 9.64 1.48 33.30
C ILE A 118 10.99 1.88 33.91
N LEU A 119 11.54 3.06 33.54
CA LEU A 119 12.85 3.53 34.02
C LEU A 119 12.85 3.82 35.55
N MET A 120 11.69 4.26 36.10
CA MET A 120 11.49 4.54 37.52
C MET A 120 10.86 3.34 38.22
N LYS A 121 10.37 2.34 37.45
CA LYS A 121 9.71 1.10 37.88
C LYS A 121 8.42 1.37 38.71
N MET A 122 7.99 2.64 38.77
CA MET A 122 6.81 3.06 39.54
C MET A 122 6.01 4.15 38.82
N TRP A 123 4.76 4.36 39.27
CA TRP A 123 3.85 5.36 38.73
C TRP A 123 3.88 6.60 39.60
N THR A 124 4.33 7.71 39.02
CA THR A 124 4.48 8.97 39.72
C THR A 124 3.51 10.04 39.16
N PHE A 125 2.34 9.60 38.63
CA PHE A 125 1.36 10.51 38.00
C PHE A 125 -0.09 10.32 38.54
N GLY A 126 -0.23 9.57 39.64
CA GLY A 126 -1.50 9.33 40.33
C GLY A 126 -2.42 8.34 39.67
N ASN A 127 -3.43 7.84 40.41
CA ASN A 127 -4.37 6.85 39.89
C ASN A 127 -5.37 7.43 38.86
N PHE A 128 -5.52 8.77 38.77
CA PHE A 128 -6.41 9.39 37.77
C PHE A 128 -5.77 9.32 36.39
N TRP A 129 -4.52 9.80 36.26
CA TRP A 129 -3.80 9.78 34.98
C TRP A 129 -3.41 8.34 34.63
N CYS A 130 -3.49 7.39 35.59
CA CYS A 130 -3.23 5.98 35.30
C CYS A 130 -4.40 5.42 34.49
N GLU A 131 -5.65 5.70 34.94
CA GLU A 131 -6.88 5.25 34.27
C GLU A 131 -7.14 6.05 33.00
N PHE A 132 -6.59 7.26 32.90
CA PHE A 132 -6.75 8.08 31.70
C PHE A 132 -5.69 7.69 30.67
N TRP A 133 -4.42 7.45 31.11
CA TRP A 133 -3.29 7.04 30.29
C TRP A 133 -3.59 5.73 29.57
N THR A 134 -4.08 4.74 30.31
CA THR A 134 -4.44 3.42 29.77
C THR A 134 -5.62 3.60 28.79
N SER A 135 -6.61 4.47 29.11
CA SER A 135 -7.79 4.71 28.25
C SER A 135 -7.40 5.33 26.89
N ILE A 136 -6.38 6.24 26.88
CA ILE A 136 -5.85 6.88 25.66
C ILE A 136 -5.13 5.81 24.84
N ASP A 137 -4.21 5.06 25.47
CA ASP A 137 -3.44 3.97 24.88
C ASP A 137 -4.34 2.96 24.15
N VAL A 138 -5.37 2.46 24.86
CA VAL A 138 -6.33 1.48 24.36
C VAL A 138 -7.08 2.09 23.17
N LEU A 139 -7.48 3.39 23.26
CA LEU A 139 -8.18 4.11 22.18
C LEU A 139 -7.29 4.25 20.92
N CYS A 140 -5.98 4.55 21.10
CA CYS A 140 -5.00 4.71 20.02
C CYS A 140 -4.83 3.38 19.28
N VAL A 141 -4.67 2.27 20.02
CA VAL A 141 -4.50 0.92 19.46
C VAL A 141 -5.79 0.46 18.76
N THR A 142 -6.99 0.73 19.35
CA THR A 142 -8.32 0.36 18.80
C THR A 142 -8.60 1.18 17.54
N ALA A 143 -8.36 2.51 17.59
CA ALA A 143 -8.59 3.45 16.50
C ALA A 143 -7.66 3.22 15.31
N SER A 144 -6.41 2.74 15.54
CA SER A 144 -5.44 2.49 14.46
C SER A 144 -5.86 1.32 13.57
N ILE A 145 -6.19 0.15 14.17
CA ILE A 145 -6.60 -1.05 13.42
C ILE A 145 -7.97 -0.85 12.77
N TRP A 146 -8.91 -0.18 13.46
CA TRP A 146 -10.22 0.06 12.86
C TRP A 146 -10.08 0.99 11.64
N THR A 147 -9.11 1.93 11.68
CA THR A 147 -8.78 2.85 10.57
C THR A 147 -8.21 2.00 9.42
N LEU A 148 -7.26 1.09 9.72
CA LEU A 148 -6.63 0.20 8.75
C LEU A 148 -7.66 -0.74 8.11
N CYS A 149 -8.62 -1.23 8.91
CA CYS A 149 -9.71 -2.09 8.42
C CYS A 149 -10.65 -1.27 7.53
N VAL A 150 -10.82 0.05 7.83
CA VAL A 150 -11.65 0.97 7.04
C VAL A 150 -10.98 1.21 5.68
N ILE A 151 -9.64 1.44 5.66
CA ILE A 151 -8.87 1.63 4.42
C ILE A 151 -8.99 0.37 3.59
N ALA A 152 -8.84 -0.82 4.24
CA ALA A 152 -8.95 -2.13 3.61
C ALA A 152 -10.29 -2.31 2.90
N VAL A 153 -11.41 -1.95 3.58
CA VAL A 153 -12.77 -2.04 3.06
C VAL A 153 -12.95 -1.02 1.93
N ASP A 154 -12.58 0.26 2.18
CA ASP A 154 -12.66 1.36 1.19
C ASP A 154 -11.93 0.95 -0.09
N ARG A 155 -10.74 0.34 0.06
CA ARG A 155 -9.93 -0.15 -1.04
C ARG A 155 -10.60 -1.29 -1.77
N TYR A 156 -11.40 -2.13 -1.07
CA TYR A 156 -12.12 -3.23 -1.72
C TYR A 156 -13.22 -2.68 -2.60
N PHE A 157 -13.94 -1.66 -2.11
CA PHE A 157 -15.03 -1.05 -2.85
C PHE A 157 -14.51 -0.20 -4.00
N ALA A 158 -13.34 0.44 -3.83
CA ALA A 158 -12.73 1.25 -4.89
C ALA A 158 -12.17 0.39 -6.01
N ILE A 159 -11.61 -0.79 -5.67
CA ILE A 159 -11.01 -1.69 -6.67
C ILE A 159 -12.10 -2.46 -7.47
N THR A 160 -13.25 -2.82 -6.83
CA THR A 160 -14.34 -3.54 -7.51
C THR A 160 -15.15 -2.60 -8.42
N SER A 161 -15.35 -1.33 -7.98
CA SER A 161 -16.08 -0.28 -8.72
C SER A 161 -15.42 0.05 -10.08
N PRO A 162 -16.19 0.56 -11.07
CA PRO A 162 -15.60 0.88 -12.38
C PRO A 162 -14.52 1.97 -12.36
N PHE A 163 -14.38 2.68 -11.22
CA PHE A 163 -13.41 3.76 -11.03
C PHE A 163 -12.00 3.16 -10.80
N LYS A 164 -11.96 1.87 -10.39
CA LYS A 164 -10.81 0.98 -10.15
C LYS A 164 -9.82 1.47 -9.07
N TYR A 165 -9.41 2.75 -9.08
CA TYR A 165 -8.44 3.26 -8.10
C TYR A 165 -8.89 4.59 -7.49
N GLN A 166 -10.21 4.80 -7.44
CA GLN A 166 -10.82 5.99 -6.88
C GLN A 166 -11.81 5.60 -5.81
N SER A 167 -11.67 6.18 -4.61
CA SER A 167 -12.58 5.92 -3.49
C SER A 167 -13.95 6.47 -3.80
N LEU A 168 -14.98 5.69 -3.45
CA LEU A 168 -16.36 6.07 -3.74
C LEU A 168 -16.86 7.11 -2.76
N LEU A 169 -16.32 7.12 -1.51
CA LEU A 169 -16.72 8.10 -0.49
C LEU A 169 -16.20 9.48 -0.85
N THR A 170 -17.00 10.53 -0.61
CA THR A 170 -16.56 11.92 -0.80
C THR A 170 -15.69 12.30 0.40
N LYS A 171 -15.05 13.47 0.36
CA LYS A 171 -14.20 13.91 1.47
C LYS A 171 -15.05 14.31 2.71
N ASN A 172 -16.40 14.43 2.54
CA ASN A 172 -17.36 14.75 3.61
C ASN A 172 -17.74 13.49 4.39
N LYS A 173 -17.93 12.35 3.66
CA LYS A 173 -18.27 11.04 4.21
C LYS A 173 -17.06 10.44 4.91
N ALA A 174 -15.87 10.55 4.28
CA ALA A 174 -14.58 10.09 4.79
C ALA A 174 -14.27 10.64 6.18
N ARG A 175 -14.56 11.94 6.42
CA ARG A 175 -14.37 12.61 7.72
C ARG A 175 -15.32 12.05 8.78
N VAL A 176 -16.58 11.76 8.37
CA VAL A 176 -17.62 11.19 9.24
C VAL A 176 -17.21 9.78 9.63
N ILE A 177 -16.62 9.01 8.69
CA ILE A 177 -16.14 7.65 8.94
C ILE A 177 -15.01 7.69 10.00
N ILE A 178 -14.06 8.64 9.88
CA ILE A 178 -12.96 8.84 10.83
C ILE A 178 -13.51 9.33 12.18
N LEU A 179 -14.48 10.25 12.15
CA LEU A 179 -15.10 10.76 13.36
C LEU A 179 -15.87 9.65 14.08
N MET A 180 -16.63 8.82 13.36
CA MET A 180 -17.38 7.70 13.94
C MET A 180 -16.42 6.64 14.48
N VAL A 181 -15.24 6.47 13.85
CA VAL A 181 -14.18 5.55 14.31
C VAL A 181 -13.69 6.04 15.68
N TRP A 182 -13.26 7.32 15.77
CA TRP A 182 -12.73 7.95 16.98
C TRP A 182 -13.81 8.12 18.07
N ILE A 183 -15.09 8.28 17.70
CA ILE A 183 -16.20 8.43 18.66
C ILE A 183 -16.51 7.06 19.26
N VAL A 184 -16.80 6.06 18.41
CA VAL A 184 -17.17 4.73 18.85
C VAL A 184 -15.98 4.06 19.55
N SER A 185 -14.75 4.13 18.99
CA SER A 185 -13.57 3.50 19.61
C SER A 185 -13.18 4.16 20.96
N GLY A 186 -13.58 5.42 21.16
CA GLY A 186 -13.35 6.13 22.42
C GLY A 186 -14.29 5.67 23.51
N LEU A 187 -15.47 5.16 23.10
CA LEU A 187 -16.53 4.64 23.94
C LEU A 187 -16.21 3.20 24.39
N THR A 188 -15.63 2.38 23.49
CA THR A 188 -15.25 0.99 23.79
C THR A 188 -13.92 0.94 24.57
N SER A 189 -13.23 2.09 24.68
CA SER A 189 -11.94 2.23 25.36
C SER A 189 -12.04 2.97 26.70
N PHE A 190 -12.73 4.14 26.74
CA PHE A 190 -12.83 4.97 27.95
C PHE A 190 -13.95 4.56 28.90
N LEU A 191 -15.13 4.13 28.39
CA LEU A 191 -16.21 3.72 29.28
C LEU A 191 -15.94 2.38 29.98
N PRO A 192 -15.34 1.31 29.39
CA PRO A 192 -15.10 0.11 30.18
C PRO A 192 -13.89 0.26 31.12
N ILE A 193 -13.18 1.40 31.08
CA ILE A 193 -12.02 1.66 31.94
C ILE A 193 -12.40 2.65 33.06
N GLN A 194 -13.04 3.79 32.73
CA GLN A 194 -13.44 4.78 33.73
C GLN A 194 -14.63 4.26 34.57
N MET A 195 -15.41 3.29 34.04
CA MET A 195 -16.52 2.66 34.76
C MET A 195 -16.01 1.48 35.60
N HIS A 196 -14.74 1.10 35.36
CA HIS A 196 -13.98 0.04 36.04
C HIS A 196 -14.57 -1.34 35.73
N TRP A 197 -14.96 -1.58 34.47
CA TRP A 197 -15.44 -2.89 34.05
C TRP A 197 -14.24 -3.81 33.75
N TYR A 198 -13.02 -3.20 33.74
CA TYR A 198 -11.74 -3.83 33.50
C TYR A 198 -11.14 -4.41 34.77
N ARG A 199 -11.45 -3.79 35.93
CA ARG A 199 -10.91 -4.13 37.25
C ARG A 199 -11.16 -5.60 37.64
N ALA A 200 -10.07 -6.30 38.01
CA ALA A 200 -10.03 -7.71 38.41
C ALA A 200 -10.41 -7.87 39.90
N THR A 201 -10.70 -9.10 40.33
CA THR A 201 -11.15 -9.38 41.70
C THR A 201 -10.02 -9.82 42.67
N HIS A 202 -8.84 -10.25 42.17
CA HIS A 202 -7.78 -10.74 43.07
C HIS A 202 -7.15 -9.62 43.89
N GLN A 203 -6.78 -9.94 45.15
CA GLN A 203 -6.19 -9.02 46.12
C GLN A 203 -4.95 -8.31 45.54
N GLU A 204 -4.11 -9.05 44.78
CA GLU A 204 -2.88 -8.56 44.13
C GLU A 204 -3.18 -7.40 43.18
N ALA A 205 -4.37 -7.41 42.54
CA ALA A 205 -4.78 -6.36 41.63
C ALA A 205 -5.35 -5.18 42.38
N ILE A 206 -6.17 -5.42 43.43
CA ILE A 206 -6.81 -4.32 44.16
C ILE A 206 -5.76 -3.58 45.00
N ASN A 207 -4.68 -4.26 45.43
CA ASN A 207 -3.56 -3.64 46.16
C ASN A 207 -2.80 -2.65 45.25
N CYS A 208 -2.96 -2.82 43.92
CA CYS A 208 -2.39 -1.97 42.87
C CYS A 208 -3.41 -0.90 42.47
N TYR A 209 -4.72 -1.18 42.67
CA TYR A 209 -5.82 -0.25 42.37
C TYR A 209 -5.91 0.82 43.45
N ALA A 210 -5.67 0.44 44.71
CA ALA A 210 -5.70 1.36 45.84
C ALA A 210 -4.43 2.20 45.87
N GLU A 211 -3.26 1.58 45.52
CA GLU A 211 -1.96 2.24 45.51
C GLU A 211 -1.78 3.15 44.29
N GLU A 212 -1.32 4.38 44.55
CA GLU A 212 -1.07 5.41 43.54
C GLU A 212 0.28 5.18 42.81
N THR A 213 1.20 4.38 43.42
CA THR A 213 2.53 4.08 42.86
C THR A 213 2.49 2.82 41.96
N CYS A 214 1.28 2.43 41.50
CA CYS A 214 1.09 1.26 40.65
C CYS A 214 0.20 1.61 39.48
N CYS A 215 0.58 1.14 38.27
CA CYS A 215 -0.20 1.32 37.04
C CYS A 215 -0.12 0.07 36.14
N ASP A 216 0.16 -1.10 36.76
CA ASP A 216 0.15 -2.38 36.06
C ASP A 216 -1.31 -2.63 35.69
N PHE A 217 -1.63 -2.57 34.39
CA PHE A 217 -3.01 -2.73 33.92
C PHE A 217 -3.46 -4.19 34.09
N PHE A 218 -4.18 -4.44 35.22
CA PHE A 218 -4.74 -5.74 35.57
C PHE A 218 -6.16 -5.84 35.01
N THR A 219 -6.45 -6.93 34.31
CA THR A 219 -7.76 -7.14 33.72
C THR A 219 -8.39 -8.40 34.26
N ASN A 220 -9.74 -8.42 34.28
CA ASN A 220 -10.46 -9.61 34.65
C ASN A 220 -10.49 -10.52 33.41
N GLN A 221 -10.89 -11.79 33.55
CA GLN A 221 -10.87 -12.73 32.42
C GLN A 221 -11.83 -12.35 31.28
N ALA A 222 -12.95 -11.69 31.60
CA ALA A 222 -13.98 -11.29 30.63
C ALA A 222 -13.56 -10.11 29.77
N TYR A 223 -13.13 -8.98 30.40
CA TYR A 223 -12.70 -7.75 29.71
C TYR A 223 -11.56 -8.06 28.73
N ALA A 224 -10.51 -8.75 29.23
CA ALA A 224 -9.30 -9.17 28.51
C ALA A 224 -9.61 -9.93 27.21
N ILE A 225 -10.73 -10.68 27.14
CA ILE A 225 -11.12 -11.43 25.95
C ILE A 225 -12.02 -10.58 25.04
N ALA A 226 -12.95 -9.79 25.62
CA ALA A 226 -13.90 -8.94 24.88
C ALA A 226 -13.19 -7.77 24.18
N SER A 227 -12.49 -6.93 24.93
CA SER A 227 -11.76 -5.77 24.41
C SER A 227 -10.63 -6.17 23.45
N SER A 228 -10.15 -7.44 23.47
CA SER A 228 -9.11 -7.90 22.52
C SER A 228 -9.78 -8.29 21.21
N ILE A 229 -10.99 -8.88 21.29
CA ILE A 229 -11.75 -9.36 20.15
C ILE A 229 -12.34 -8.18 19.39
N VAL A 230 -13.15 -7.33 20.03
CA VAL A 230 -13.81 -6.20 19.34
C VAL A 230 -12.77 -5.16 18.83
N SER A 231 -11.78 -4.79 19.67
CA SER A 231 -10.77 -3.76 19.36
C SER A 231 -9.74 -4.18 18.33
N PHE A 232 -9.14 -5.38 18.45
CA PHE A 232 -8.06 -5.78 17.56
C PHE A 232 -8.38 -6.98 16.67
N TYR A 233 -8.82 -8.10 17.23
CA TYR A 233 -9.02 -9.31 16.46
C TYR A 233 -10.09 -9.21 15.36
N VAL A 234 -11.29 -8.63 15.64
CA VAL A 234 -12.40 -8.47 14.69
C VAL A 234 -11.94 -7.62 13.49
N PRO A 235 -11.41 -6.37 13.66
CA PRO A 235 -10.96 -5.61 12.48
C PRO A 235 -9.80 -6.26 11.75
N LEU A 236 -8.86 -6.95 12.46
CA LEU A 236 -7.70 -7.62 11.85
C LEU A 236 -8.13 -8.76 10.91
N VAL A 237 -9.12 -9.57 11.34
CA VAL A 237 -9.65 -10.69 10.58
C VAL A 237 -10.29 -10.16 9.28
N ILE A 238 -11.13 -9.10 9.41
CA ILE A 238 -11.84 -8.46 8.30
C ILE A 238 -10.82 -7.76 7.38
N MET A 239 -9.93 -6.90 7.94
CA MET A 239 -8.88 -6.14 7.24
C MET A 239 -8.03 -7.03 6.35
N VAL A 240 -7.52 -8.16 6.89
CA VAL A 240 -6.68 -9.10 6.16
C VAL A 240 -7.52 -9.86 5.09
N PHE A 241 -8.70 -10.42 5.46
CA PHE A 241 -9.56 -11.14 4.52
C PHE A 241 -10.00 -10.24 3.33
N VAL A 242 -10.28 -8.95 3.61
CA VAL A 242 -10.76 -7.95 2.63
C VAL A 242 -9.56 -7.33 1.86
N TYR A 243 -8.37 -7.17 2.51
CA TYR A 243 -7.21 -6.62 1.80
C TYR A 243 -6.42 -7.72 1.08
N SER A 244 -6.81 -8.98 1.25
CA SER A 244 -6.22 -10.05 0.44
C SER A 244 -6.95 -10.06 -0.90
N ARG A 245 -8.21 -9.55 -0.89
CA ARG A 245 -9.15 -9.38 -2.01
C ARG A 245 -8.87 -8.12 -2.84
N VAL A 246 -8.31 -7.04 -2.23
CA VAL A 246 -7.96 -5.80 -2.95
C VAL A 246 -6.74 -6.08 -3.83
N PHE A 247 -5.82 -6.92 -3.33
CA PHE A 247 -4.65 -7.35 -4.06
C PHE A 247 -5.09 -8.30 -5.19
N GLN A 248 -5.96 -9.29 -4.84
CA GLN A 248 -6.56 -10.30 -5.72
C GLN A 248 -7.32 -9.68 -6.89
N GLU A 249 -8.14 -8.63 -6.64
CA GLU A 249 -8.95 -7.96 -7.67
C GLU A 249 -8.11 -7.06 -8.57
N ALA A 250 -6.97 -6.55 -8.07
CA ALA A 250 -6.09 -5.68 -8.85
C ALA A 250 -5.33 -6.47 -9.91
N LYS A 251 -4.77 -7.61 -9.50
CA LYS A 251 -3.99 -8.53 -10.32
C LYS A 251 -4.84 -9.19 -11.42
N ARG A 252 -6.12 -9.56 -11.11
CA ARG A 252 -7.08 -10.22 -12.02
C ARG A 252 -7.66 -9.24 -13.06
N GLN A 253 -7.93 -7.98 -12.64
CA GLN A 253 -8.48 -6.91 -13.50
C GLN A 253 -7.40 -6.18 -14.29
N LEU A 254 -6.13 -6.65 -14.20
CA LEU A 254 -5.00 -6.13 -14.98
C LEU A 254 -5.26 -6.45 -16.45
N ASN A 255 -5.22 -5.43 -17.32
CA ASN A 255 -5.50 -5.57 -18.75
C ASN A 255 -4.30 -5.15 -19.59
N ILE A 256 -4.47 -5.17 -20.93
CA ILE A 256 -3.45 -4.81 -21.92
C ILE A 256 -3.08 -3.33 -21.82
N PHE A 257 -4.04 -2.47 -21.46
CA PHE A 257 -3.83 -1.03 -21.37
C PHE A 257 -2.97 -0.66 -20.17
N GLU A 258 -3.03 -1.45 -19.11
CA GLU A 258 -2.23 -1.23 -17.90
C GLU A 258 -0.87 -1.91 -18.10
N MET A 259 -0.88 -3.11 -18.72
CA MET A 259 0.29 -3.91 -19.08
C MET A 259 1.25 -3.08 -19.95
N LEU A 260 0.71 -2.36 -20.95
CA LEU A 260 1.53 -1.52 -21.82
C LEU A 260 1.89 -0.19 -21.15
N ARG A 261 1.04 0.35 -20.25
CA ARG A 261 1.40 1.58 -19.52
C ARG A 261 2.55 1.27 -18.58
N ILE A 262 2.67 0.00 -18.16
CA ILE A 262 3.76 -0.47 -17.33
C ILE A 262 5.02 -0.57 -18.20
N ASP A 263 4.93 -1.23 -19.36
CA ASP A 263 6.05 -1.50 -20.26
C ASP A 263 6.56 -0.30 -21.08
N GLU A 264 5.67 0.57 -21.56
CA GLU A 264 6.02 1.72 -22.41
C GLU A 264 6.07 3.05 -21.65
N GLY A 265 5.58 3.05 -20.40
CA GLY A 265 5.53 4.22 -19.54
C GLY A 265 4.60 5.33 -20.04
N LEU A 266 4.77 6.55 -19.49
CA LEU A 266 3.96 7.70 -19.88
C LEU A 266 4.74 9.02 -19.78
N ARG A 267 4.93 9.66 -20.93
CA ARG A 267 5.58 10.96 -21.05
C ARG A 267 4.72 11.79 -21.99
N LEU A 268 4.35 13.01 -21.58
CA LEU A 268 3.46 13.86 -22.38
C LEU A 268 4.22 14.82 -23.34
N LYS A 269 5.55 14.62 -23.48
CA LYS A 269 6.42 15.39 -24.38
C LYS A 269 7.26 14.40 -25.19
N ILE A 270 7.62 14.77 -26.44
CA ILE A 270 8.39 13.94 -27.36
C ILE A 270 9.74 13.56 -26.73
N TYR A 271 10.02 12.25 -26.69
CA TYR A 271 11.26 11.69 -26.15
C TYR A 271 11.86 10.68 -27.12
N LYS A 272 13.14 10.34 -26.93
CA LYS A 272 13.83 9.36 -27.75
C LYS A 272 13.54 7.96 -27.21
N ASP A 273 13.05 7.05 -28.09
CA ASP A 273 12.72 5.66 -27.74
C ASP A 273 13.98 4.86 -27.42
N THR A 274 13.81 3.59 -27.01
CA THR A 274 14.90 2.66 -26.70
C THR A 274 15.75 2.46 -27.96
N GLU A 275 15.08 2.44 -29.13
CA GLU A 275 15.69 2.28 -30.45
C GLU A 275 16.25 3.64 -30.98
N GLY A 276 15.68 4.76 -30.54
CA GLY A 276 16.17 6.10 -30.90
C GLY A 276 15.27 6.94 -31.78
N TYR A 277 14.00 6.56 -31.95
CA TYR A 277 13.04 7.32 -32.75
C TYR A 277 12.10 8.12 -31.85
N TYR A 278 11.66 9.30 -32.32
CA TYR A 278 10.75 10.22 -31.62
C TYR A 278 9.45 9.49 -31.19
N THR A 279 9.14 9.57 -29.88
CA THR A 279 7.99 8.88 -29.28
C THR A 279 7.28 9.79 -28.26
N ILE A 280 5.95 9.62 -28.08
CA ILE A 280 5.13 10.39 -27.13
C ILE A 280 4.03 9.50 -26.52
N GLY A 281 3.50 9.93 -25.37
CA GLY A 281 2.44 9.22 -24.65
C GLY A 281 2.91 7.88 -24.11
N ILE A 282 2.22 6.82 -24.53
CA ILE A 282 2.54 5.45 -24.13
C ILE A 282 3.05 4.72 -25.37
N GLY A 283 4.37 4.77 -25.56
CA GLY A 283 5.11 4.14 -26.65
C GLY A 283 4.62 4.38 -28.07
N HIS A 284 3.98 5.54 -28.31
CA HIS A 284 3.46 5.89 -29.63
C HIS A 284 4.57 6.53 -30.47
N LEU A 285 5.10 5.77 -31.43
CA LEU A 285 6.16 6.19 -32.35
C LEU A 285 5.63 7.28 -33.29
N LEU A 286 6.14 8.51 -33.13
CA LEU A 286 5.69 9.64 -33.95
C LEU A 286 6.27 9.57 -35.35
N THR A 287 7.58 9.23 -35.46
CA THR A 287 8.35 9.06 -36.70
C THR A 287 9.77 8.55 -36.37
N LYS A 288 10.43 7.94 -37.36
CA LYS A 288 11.80 7.43 -37.24
C LYS A 288 12.82 8.53 -37.60
N SER A 289 12.30 9.65 -38.15
CA SER A 289 13.05 10.83 -38.60
C SER A 289 13.86 11.47 -37.47
N PRO A 290 15.11 11.94 -37.77
CA PRO A 290 15.93 12.57 -36.73
C PRO A 290 15.69 14.09 -36.63
N SER A 291 14.63 14.62 -37.28
CA SER A 291 14.28 16.03 -37.23
C SER A 291 13.12 16.24 -36.28
N LEU A 292 13.29 17.14 -35.29
CA LEU A 292 12.26 17.49 -34.30
C LEU A 292 11.08 18.17 -34.99
N ASN A 293 11.36 18.89 -36.10
CA ASN A 293 10.36 19.54 -36.94
C ASN A 293 9.53 18.49 -37.70
N ALA A 294 10.13 17.30 -37.98
CA ALA A 294 9.46 16.17 -38.64
C ALA A 294 8.69 15.30 -37.64
N ALA A 295 8.98 15.51 -36.33
CA ALA A 295 8.31 14.83 -35.21
C ALA A 295 7.13 15.66 -34.72
N LYS A 296 7.32 17.00 -34.62
CA LYS A 296 6.30 17.97 -34.19
C LYS A 296 5.25 18.20 -35.29
N SER A 297 5.51 17.76 -36.53
CA SER A 297 4.56 17.86 -37.64
C SER A 297 3.55 16.71 -37.56
N GLU A 298 4.04 15.47 -37.29
CA GLU A 298 3.23 14.25 -37.18
C GLU A 298 2.31 14.30 -35.95
N LEU A 299 2.76 14.98 -34.87
CA LEU A 299 2.02 15.14 -33.63
C LEU A 299 0.84 16.12 -33.80
N ASP A 300 1.06 17.27 -34.47
CA ASP A 300 0.05 18.31 -34.75
C ASP A 300 -1.07 17.80 -35.66
N LYS A 301 -0.75 16.80 -36.51
CA LYS A 301 -1.67 16.16 -37.44
C LYS A 301 -2.45 15.02 -36.75
N ALA A 302 -1.77 14.23 -35.91
CA ALA A 302 -2.34 13.10 -35.17
C ALA A 302 -3.32 13.55 -34.08
N ILE A 303 -3.07 14.73 -33.46
CA ILE A 303 -3.92 15.30 -32.42
C ILE A 303 -5.01 16.16 -33.07
N GLY A 304 -4.60 17.07 -33.94
CA GLY A 304 -5.50 17.97 -34.65
C GLY A 304 -5.54 19.36 -34.05
N ARG A 305 -4.43 19.78 -33.41
CA ARG A 305 -4.27 21.10 -32.78
C ARG A 305 -2.77 21.45 -32.65
N ASN A 306 -2.48 22.73 -32.37
CA ASN A 306 -1.12 23.23 -32.20
C ASN A 306 -0.58 22.76 -30.83
N THR A 307 0.01 21.54 -30.83
CA THR A 307 0.53 20.86 -29.65
C THR A 307 1.84 21.48 -29.11
N ASN A 308 2.77 21.92 -30.00
CA ASN A 308 4.08 22.51 -29.68
C ASN A 308 4.97 21.52 -28.88
N GLY A 309 4.87 20.24 -29.23
CA GLY A 309 5.63 19.16 -28.62
C GLY A 309 5.13 18.65 -27.28
N VAL A 310 3.90 19.05 -26.86
CA VAL A 310 3.30 18.62 -25.58
C VAL A 310 1.80 18.25 -25.79
N ILE A 311 1.35 17.16 -25.14
CA ILE A 311 -0.03 16.67 -25.20
C ILE A 311 -0.59 16.46 -23.78
N THR A 312 -1.93 16.28 -23.65
CA THR A 312 -2.59 16.06 -22.36
C THR A 312 -2.75 14.56 -22.11
N LYS A 313 -3.15 14.19 -20.86
CA LYS A 313 -3.42 12.82 -20.43
C LYS A 313 -4.56 12.24 -21.27
N ASP A 314 -5.60 13.05 -21.52
CA ASP A 314 -6.77 12.70 -22.33
C ASP A 314 -6.36 12.49 -23.79
N GLU A 315 -5.52 13.41 -24.33
CA GLU A 315 -5.00 13.35 -25.71
C GLU A 315 -4.17 12.10 -25.93
N ALA A 316 -3.24 11.80 -25.01
CA ALA A 316 -2.37 10.61 -25.06
C ALA A 316 -3.18 9.31 -24.95
N GLU A 317 -4.25 9.31 -24.10
CA GLU A 317 -5.11 8.15 -23.89
C GLU A 317 -5.89 7.83 -25.17
N LYS A 318 -6.31 8.87 -25.91
CA LYS A 318 -7.03 8.74 -27.18
C LYS A 318 -6.13 8.08 -28.23
N LEU A 319 -4.83 8.46 -28.24
CA LEU A 319 -3.80 7.91 -29.13
C LEU A 319 -3.51 6.46 -28.82
N PHE A 320 -3.35 6.14 -27.51
CA PHE A 320 -3.05 4.81 -27.01
C PHE A 320 -4.20 3.80 -27.25
N ASN A 321 -5.48 4.25 -27.17
CA ASN A 321 -6.66 3.41 -27.43
C ASN A 321 -6.77 3.07 -28.92
N GLN A 322 -6.13 3.91 -29.78
CA GLN A 322 -6.06 3.80 -31.24
C GLN A 322 -4.87 2.92 -31.69
N ASP A 323 -3.74 2.92 -30.93
CA ASP A 323 -2.54 2.11 -31.22
C ASP A 323 -2.75 0.65 -30.80
N VAL A 324 -3.50 0.43 -29.70
CA VAL A 324 -3.83 -0.89 -29.15
C VAL A 324 -4.84 -1.57 -30.09
N ASP A 325 -5.85 -0.81 -30.57
CA ASP A 325 -6.89 -1.28 -31.50
C ASP A 325 -6.28 -1.64 -32.86
N ALA A 326 -5.26 -0.88 -33.30
CA ALA A 326 -4.55 -1.16 -34.54
C ALA A 326 -3.63 -2.38 -34.37
N ALA A 327 -3.02 -2.56 -33.16
CA ALA A 327 -2.14 -3.69 -32.81
C ALA A 327 -2.89 -5.01 -32.83
N VAL A 328 -4.17 -5.00 -32.41
CA VAL A 328 -5.09 -6.16 -32.43
C VAL A 328 -5.49 -6.43 -33.89
N ARG A 329 -5.84 -5.36 -34.64
CA ARG A 329 -6.22 -5.39 -36.06
C ARG A 329 -5.08 -6.00 -36.90
N GLY A 330 -3.85 -5.53 -36.65
CA GLY A 330 -2.63 -5.95 -37.31
C GLY A 330 -2.34 -7.42 -37.21
N ILE A 331 -2.87 -8.07 -36.14
CA ILE A 331 -2.77 -9.50 -35.86
C ILE A 331 -3.81 -10.23 -36.68
N LEU A 332 -5.09 -9.79 -36.58
CA LEU A 332 -6.25 -10.38 -37.26
C LEU A 332 -6.15 -10.31 -38.79
N ARG A 333 -5.29 -9.43 -39.33
CA ARG A 333 -5.07 -9.30 -40.77
C ARG A 333 -3.83 -10.13 -41.20
N ASN A 334 -2.90 -10.38 -40.26
CA ASN A 334 -1.69 -11.16 -40.50
C ASN A 334 -2.00 -12.63 -40.26
N ALA A 335 -1.96 -13.44 -41.34
CA ALA A 335 -2.27 -14.86 -41.37
C ALA A 335 -1.33 -15.73 -40.51
N LYS A 336 -0.15 -15.20 -40.12
CA LYS A 336 0.84 -15.89 -39.30
C LYS A 336 0.51 -15.80 -37.82
N LEU A 337 0.09 -14.61 -37.38
CA LEU A 337 -0.20 -14.29 -35.97
C LEU A 337 -1.65 -14.64 -35.58
N LYS A 338 -2.62 -14.45 -36.50
CA LYS A 338 -4.06 -14.73 -36.33
C LYS A 338 -4.36 -16.16 -35.77
N PRO A 339 -3.73 -17.28 -36.22
CA PRO A 339 -4.09 -18.58 -35.65
C PRO A 339 -3.53 -18.76 -34.24
N VAL A 340 -2.39 -18.09 -33.94
CA VAL A 340 -1.72 -18.10 -32.63
C VAL A 340 -2.56 -17.28 -31.64
N TYR A 341 -3.18 -16.17 -32.13
CA TYR A 341 -4.07 -15.28 -31.36
C TYR A 341 -5.33 -16.04 -30.91
N ASP A 342 -5.78 -17.02 -31.71
CA ASP A 342 -6.91 -17.88 -31.42
C ASP A 342 -6.56 -18.91 -30.33
N SER A 343 -5.34 -19.53 -30.42
CA SER A 343 -4.84 -20.57 -29.50
C SER A 343 -4.40 -20.01 -28.13
N LEU A 344 -4.16 -18.69 -28.04
CA LEU A 344 -3.78 -18.05 -26.78
C LEU A 344 -5.02 -17.66 -25.97
N ASP A 345 -4.92 -17.77 -24.63
CA ASP A 345 -5.98 -17.38 -23.71
C ASP A 345 -5.97 -15.85 -23.55
N ALA A 346 -6.92 -15.29 -22.75
CA ALA A 346 -7.08 -13.86 -22.48
C ALA A 346 -5.78 -13.14 -22.03
N VAL A 347 -5.04 -13.76 -21.10
CA VAL A 347 -3.79 -13.20 -20.54
C VAL A 347 -2.68 -13.25 -21.59
N ARG A 348 -2.47 -14.42 -22.21
CA ARG A 348 -1.42 -14.62 -23.23
C ARG A 348 -1.73 -13.87 -24.54
N ARG A 349 -3.01 -13.52 -24.81
CA ARG A 349 -3.40 -12.74 -25.99
C ARG A 349 -2.86 -11.33 -25.86
N ALA A 350 -2.89 -10.78 -24.62
CA ALA A 350 -2.35 -9.47 -24.27
C ALA A 350 -0.81 -9.47 -24.42
N ALA A 351 -0.15 -10.63 -24.16
CA ALA A 351 1.30 -10.81 -24.29
C ALA A 351 1.76 -10.77 -25.75
N LEU A 352 0.91 -11.26 -26.68
CA LEU A 352 1.20 -11.23 -28.12
C LEU A 352 0.96 -9.82 -28.65
N ILE A 353 -0.16 -9.18 -28.20
CA ILE A 353 -0.52 -7.79 -28.55
C ILE A 353 0.60 -6.86 -28.08
N ASN A 354 1.21 -7.17 -26.93
CA ASN A 354 2.34 -6.45 -26.34
C ASN A 354 3.58 -6.47 -27.25
N MET A 355 3.81 -7.59 -27.95
CA MET A 355 4.95 -7.76 -28.86
C MET A 355 4.69 -7.07 -30.18
N VAL A 356 3.46 -7.18 -30.69
CA VAL A 356 3.02 -6.58 -31.95
C VAL A 356 2.95 -5.04 -31.79
N PHE A 357 2.55 -4.55 -30.60
CA PHE A 357 2.48 -3.11 -30.27
C PHE A 357 3.89 -2.50 -30.29
N GLN A 358 4.87 -3.23 -29.74
CA GLN A 358 6.25 -2.79 -29.65
C GLN A 358 6.96 -2.89 -31.01
N MET A 359 7.21 -4.11 -31.50
CA MET A 359 7.93 -4.37 -32.75
C MET A 359 7.10 -4.19 -34.01
N GLY A 360 5.89 -4.75 -34.04
CA GLY A 360 5.02 -4.65 -35.20
C GLY A 360 4.67 -6.00 -35.78
N GLU A 361 3.48 -6.09 -36.43
CA GLU A 361 2.91 -7.29 -37.05
C GLU A 361 3.94 -8.08 -37.87
N THR A 362 4.82 -7.38 -38.60
CA THR A 362 5.86 -8.00 -39.43
C THR A 362 7.00 -8.53 -38.55
N GLY A 363 7.44 -7.72 -37.59
CA GLY A 363 8.52 -8.05 -36.68
C GLY A 363 8.29 -9.32 -35.89
N VAL A 364 7.10 -9.44 -35.28
CA VAL A 364 6.64 -10.57 -34.44
C VAL A 364 6.41 -11.84 -35.31
N ALA A 365 5.92 -11.67 -36.56
CA ALA A 365 5.72 -12.77 -37.52
C ALA A 365 7.06 -13.46 -37.85
N GLY A 366 8.17 -12.74 -37.61
CA GLY A 366 9.54 -13.21 -37.78
C GLY A 366 9.93 -14.34 -36.84
N PHE A 367 9.26 -14.40 -35.66
CA PHE A 367 9.46 -15.44 -34.64
C PHE A 367 8.75 -16.72 -35.08
N THR A 368 9.11 -17.24 -36.28
CA THR A 368 8.49 -18.41 -36.93
C THR A 368 8.50 -19.66 -36.02
N ASN A 369 9.59 -19.90 -35.25
CA ASN A 369 9.68 -21.05 -34.33
C ASN A 369 8.84 -20.82 -33.09
N SER A 370 9.00 -19.64 -32.45
CA SER A 370 8.30 -19.23 -31.22
C SER A 370 6.80 -19.29 -31.37
N LEU A 371 6.24 -18.54 -32.34
CA LEU A 371 4.80 -18.50 -32.60
C LEU A 371 4.23 -19.92 -32.78
N ARG A 372 5.02 -20.81 -33.42
CA ARG A 372 4.66 -22.20 -33.64
C ARG A 372 4.55 -22.93 -32.28
N MET A 373 5.58 -22.81 -31.40
CA MET A 373 5.59 -23.45 -30.06
C MET A 373 4.54 -22.81 -29.14
N LEU A 374 4.11 -21.56 -29.43
CA LEU A 374 3.08 -20.85 -28.70
C LEU A 374 1.71 -21.40 -29.08
N GLN A 375 1.54 -21.78 -30.36
CA GLN A 375 0.31 -22.36 -30.91
C GLN A 375 0.06 -23.74 -30.28
N GLN A 376 1.13 -24.58 -30.17
CA GLN A 376 1.12 -25.94 -29.64
C GLN A 376 1.03 -26.00 -28.09
N LYS A 377 0.70 -24.85 -27.46
CA LYS A 377 0.56 -24.64 -26.01
C LYS A 377 1.88 -24.97 -25.24
N ARG A 378 3.02 -25.09 -25.95
CA ARG A 378 4.35 -25.36 -25.39
C ARG A 378 5.00 -24.04 -25.00
N TRP A 379 4.57 -23.48 -23.86
CA TRP A 379 5.00 -22.17 -23.37
C TRP A 379 6.49 -22.11 -23.09
N ASP A 380 7.01 -23.06 -22.29
CA ASP A 380 8.42 -23.12 -21.89
C ASP A 380 9.34 -23.38 -23.09
N GLU A 381 8.86 -24.15 -24.07
CA GLU A 381 9.62 -24.46 -25.30
C GLU A 381 9.71 -23.22 -26.21
N ALA A 382 8.70 -22.32 -26.11
CA ALA A 382 8.61 -21.04 -26.81
C ALA A 382 9.43 -19.99 -26.08
N ALA A 383 9.41 -20.03 -24.74
CA ALA A 383 10.12 -19.13 -23.83
C ALA A 383 11.61 -19.05 -24.14
N VAL A 384 12.30 -20.22 -24.27
CA VAL A 384 13.74 -20.32 -24.57
C VAL A 384 14.05 -19.64 -25.92
N ASN A 385 13.23 -19.90 -26.96
CA ASN A 385 13.39 -19.32 -28.30
C ASN A 385 13.12 -17.80 -28.32
N LEU A 386 12.13 -17.33 -27.52
CA LEU A 386 11.73 -15.92 -27.38
C LEU A 386 12.79 -15.10 -26.65
N ALA A 387 13.58 -15.75 -25.77
CA ALA A 387 14.65 -15.13 -24.98
C ALA A 387 15.98 -15.09 -25.75
N LYS A 388 16.19 -16.00 -26.73
CA LYS A 388 17.41 -15.99 -27.53
C LYS A 388 17.21 -15.11 -28.77
N SER A 389 16.35 -14.09 -28.62
CA SER A 389 16.01 -13.12 -29.65
C SER A 389 16.73 -11.80 -29.44
N ARG A 390 16.87 -11.00 -30.52
CA ARG A 390 17.48 -9.66 -30.49
C ARG A 390 16.54 -8.69 -29.75
N TRP A 391 15.20 -9.02 -29.71
CA TRP A 391 14.15 -8.29 -29.01
C TRP A 391 14.41 -8.34 -27.51
N TYR A 392 14.70 -9.56 -27.01
CA TYR A 392 15.01 -9.82 -25.61
C TYR A 392 16.26 -9.04 -25.19
N ASN A 393 17.28 -9.00 -26.06
CA ASN A 393 18.54 -8.33 -25.76
C ASN A 393 18.40 -6.79 -25.82
N GLN A 394 17.55 -6.25 -26.71
CA GLN A 394 17.31 -4.80 -26.81
C GLN A 394 16.54 -4.31 -25.56
N THR A 395 15.40 -4.96 -25.23
CA THR A 395 14.59 -4.63 -24.06
C THR A 395 14.51 -5.86 -23.15
N PRO A 396 15.52 -6.09 -22.28
CA PRO A 396 15.50 -7.29 -21.44
C PRO A 396 14.45 -7.25 -20.34
N ASN A 397 14.28 -6.07 -19.71
CA ASN A 397 13.34 -5.78 -18.63
C ASN A 397 11.90 -6.12 -19.06
N ARG A 398 11.47 -5.59 -20.23
CA ARG A 398 10.14 -5.78 -20.82
C ARG A 398 9.96 -7.19 -21.39
N ALA A 399 10.99 -7.73 -22.07
CA ALA A 399 10.92 -9.08 -22.64
C ALA A 399 10.84 -10.13 -21.54
N LYS A 400 11.46 -9.86 -20.38
CA LYS A 400 11.40 -10.72 -19.19
C LYS A 400 9.93 -10.82 -18.74
N ARG A 401 9.20 -9.70 -18.75
CA ARG A 401 7.79 -9.58 -18.36
C ARG A 401 6.83 -10.20 -19.41
N VAL A 402 7.06 -9.93 -20.71
CA VAL A 402 6.22 -10.44 -21.81
C VAL A 402 6.29 -11.98 -21.88
N ILE A 403 7.51 -12.56 -21.86
CA ILE A 403 7.75 -14.01 -21.95
C ILE A 403 7.22 -14.73 -20.69
N THR A 404 7.35 -14.12 -19.49
CA THR A 404 6.85 -14.75 -18.27
C THR A 404 5.33 -14.86 -18.34
N THR A 405 4.64 -13.79 -18.82
CA THR A 405 3.19 -13.79 -19.02
C THR A 405 2.83 -14.91 -20.04
N PHE A 406 3.71 -15.17 -21.02
CA PHE A 406 3.53 -16.26 -21.99
C PHE A 406 3.73 -17.62 -21.33
N ARG A 407 4.66 -17.71 -20.37
CA ARG A 407 4.96 -18.96 -19.68
C ARG A 407 3.86 -19.33 -18.70
N THR A 408 3.53 -18.38 -17.82
CA THR A 408 2.60 -18.52 -16.70
C THR A 408 1.12 -18.37 -17.08
N GLY A 409 0.81 -17.49 -18.04
CA GLY A 409 -0.58 -17.22 -18.42
C GLY A 409 -1.32 -16.47 -17.33
N THR A 410 -0.56 -15.75 -16.50
CA THR A 410 -1.02 -14.93 -15.38
C THR A 410 -0.21 -13.64 -15.34
N TRP A 411 -0.77 -12.61 -14.68
CA TRP A 411 -0.15 -11.30 -14.53
C TRP A 411 0.95 -11.30 -13.45
N ASP A 412 1.53 -12.50 -13.16
CA ASP A 412 2.62 -12.75 -12.18
C ASP A 412 3.86 -11.89 -12.48
N ALA A 413 4.08 -11.51 -13.75
CA ALA A 413 5.21 -10.68 -14.15
C ALA A 413 4.95 -9.20 -13.89
N TYR A 414 3.66 -8.77 -13.97
CA TYR A 414 3.21 -7.38 -13.76
C TYR A 414 2.63 -7.16 -12.34
N LYS A 415 3.16 -7.93 -11.36
CA LYS A 415 2.80 -7.90 -9.94
C LYS A 415 3.35 -6.62 -9.28
N PHE A 416 2.41 -5.71 -8.86
CA PHE A 416 2.65 -4.41 -8.21
C PHE A 416 3.57 -3.54 -9.07
N CYS A 417 3.30 -3.52 -10.38
CA CYS A 417 4.09 -2.76 -11.32
C CYS A 417 3.45 -1.42 -11.59
N LEU A 418 2.11 -1.37 -11.80
CA LEU A 418 1.39 -0.13 -12.05
C LEU A 418 1.50 0.82 -10.84
N LYS A 419 1.60 2.14 -11.08
CA LYS A 419 1.75 3.18 -10.04
C LYS A 419 0.63 3.12 -8.98
N GLU A 420 -0.59 2.78 -9.42
CA GLU A 420 -1.80 2.63 -8.63
C GLU A 420 -1.73 1.37 -7.75
N HIS A 421 -0.95 0.35 -8.19
CA HIS A 421 -0.74 -0.94 -7.51
C HIS A 421 0.34 -0.83 -6.41
N LYS A 422 1.39 0.00 -6.63
CA LYS A 422 2.46 0.25 -5.64
C LYS A 422 1.88 1.01 -4.46
N ALA A 423 0.76 1.73 -4.71
CA ALA A 423 -0.04 2.44 -3.72
C ALA A 423 -0.79 1.43 -2.85
N LEU A 424 -1.26 0.31 -3.46
CA LEU A 424 -1.95 -0.79 -2.74
C LEU A 424 -0.95 -1.58 -1.91
N LYS A 425 0.28 -1.77 -2.45
CA LYS A 425 1.36 -2.47 -1.76
C LYS A 425 1.79 -1.66 -0.54
N THR A 426 1.87 -0.32 -0.67
CA THR A 426 2.22 0.59 0.43
C THR A 426 1.17 0.43 1.55
N LEU A 427 -0.14 0.59 1.25
CA LEU A 427 -1.23 0.41 2.22
C LEU A 427 -1.25 -1.00 2.75
N GLY A 428 -0.74 -1.92 1.94
CA GLY A 428 -0.59 -3.34 2.29
C GLY A 428 0.52 -3.60 3.27
N ILE A 429 1.62 -2.80 3.21
CA ILE A 429 2.78 -2.90 4.12
C ILE A 429 2.41 -2.29 5.48
N ILE A 430 1.73 -1.11 5.50
CA ILE A 430 1.29 -0.40 6.71
C ILE A 430 0.41 -1.34 7.57
N MET A 431 -0.55 -2.02 6.92
CA MET A 431 -1.47 -2.96 7.56
C MET A 431 -0.75 -4.22 8.08
N GLY A 432 0.14 -4.77 7.25
CA GLY A 432 0.89 -5.98 7.57
C GLY A 432 1.91 -5.76 8.67
N THR A 433 2.66 -4.64 8.59
CA THR A 433 3.70 -4.28 9.58
C THR A 433 3.03 -4.05 10.95
N PHE A 434 1.82 -3.44 10.97
CA PHE A 434 1.04 -3.21 12.19
C PHE A 434 0.85 -4.56 12.91
N THR A 435 0.33 -5.57 12.17
CA THR A 435 0.07 -6.94 12.62
C THR A 435 1.35 -7.56 13.18
N LEU A 436 2.50 -7.41 12.47
CA LEU A 436 3.79 -7.93 12.91
C LEU A 436 4.19 -7.41 14.28
N CYS A 437 3.78 -6.18 14.61
CA CYS A 437 4.13 -5.54 15.87
C CYS A 437 3.12 -5.86 17.00
N TRP A 438 1.80 -5.68 16.73
CA TRP A 438 0.72 -5.82 17.72
C TRP A 438 0.22 -7.24 17.98
N LEU A 439 0.15 -8.11 16.93
CA LEU A 439 -0.32 -9.49 17.08
C LEU A 439 0.51 -10.31 18.11
N PRO A 440 1.88 -10.25 18.17
CA PRO A 440 2.58 -11.02 19.22
C PRO A 440 2.17 -10.59 20.62
N PHE A 441 1.88 -9.29 20.83
CA PHE A 441 1.44 -8.75 22.11
C PHE A 441 0.05 -9.28 22.43
N PHE A 442 -0.90 -9.22 21.46
CA PHE A 442 -2.28 -9.67 21.62
C PHE A 442 -2.40 -11.17 21.79
N ILE A 443 -1.58 -11.97 21.06
CA ILE A 443 -1.60 -13.43 21.22
C ILE A 443 -1.23 -13.76 22.67
N VAL A 444 -0.11 -13.19 23.18
CA VAL A 444 0.38 -13.39 24.56
C VAL A 444 -0.63 -12.80 25.56
N ASN A 445 -1.33 -11.71 25.16
CA ASN A 445 -2.37 -11.06 25.95
C ASN A 445 -3.57 -11.98 26.15
N ILE A 446 -4.09 -12.58 25.05
CA ILE A 446 -5.23 -13.48 25.09
C ILE A 446 -4.82 -14.87 25.67
N VAL A 447 -3.53 -15.27 25.52
CA VAL A 447 -3.00 -16.54 26.03
C VAL A 447 -2.93 -16.47 27.54
N HIS A 448 -2.42 -15.37 28.11
CA HIS A 448 -2.27 -15.25 29.56
C HIS A 448 -3.61 -15.03 30.31
N VAL A 449 -4.75 -15.01 29.58
CA VAL A 449 -6.07 -14.94 30.19
C VAL A 449 -6.44 -16.40 30.61
N ILE A 450 -6.02 -17.39 29.76
CA ILE A 450 -6.17 -18.85 29.92
C ILE A 450 -5.25 -19.35 31.09
N GLN A 451 -3.91 -19.08 31.02
CA GLN A 451 -2.93 -19.41 32.06
C GLN A 451 -2.08 -18.16 32.34
N ASP A 452 -2.01 -17.80 33.61
CA ASP A 452 -1.33 -16.58 34.05
C ASP A 452 0.21 -16.67 34.12
N ASN A 453 0.71 -17.79 34.63
CA ASN A 453 2.08 -18.10 35.04
C ASN A 453 3.18 -18.37 33.97
N LEU A 454 2.99 -18.14 32.65
CA LEU A 454 4.12 -18.48 31.79
C LEU A 454 5.11 -17.31 31.54
N ILE A 455 4.78 -16.29 30.70
CA ILE A 455 5.71 -15.23 30.29
C ILE A 455 5.80 -14.03 31.27
N ARG A 456 4.78 -13.82 32.13
CA ARG A 456 4.73 -12.76 33.15
C ARG A 456 4.87 -11.33 32.55
N LYS A 457 5.28 -10.34 33.40
CA LYS A 457 5.46 -8.90 33.11
C LYS A 457 6.63 -8.54 32.15
N GLU A 458 7.80 -9.20 32.32
CA GLU A 458 9.02 -8.90 31.56
C GLU A 458 8.84 -9.08 30.04
N VAL A 459 8.00 -10.04 29.61
CA VAL A 459 7.79 -10.29 28.18
C VAL A 459 6.65 -9.39 27.65
N TYR A 460 5.55 -9.28 28.42
CA TYR A 460 4.35 -8.50 28.11
C TYR A 460 4.69 -7.04 27.76
N ILE A 461 5.61 -6.41 28.52
CA ILE A 461 6.00 -5.03 28.26
C ILE A 461 6.83 -4.93 26.96
N LEU A 462 7.72 -5.91 26.69
CA LEU A 462 8.56 -5.91 25.50
C LEU A 462 7.70 -5.99 24.25
N LEU A 463 6.74 -6.94 24.22
CA LEU A 463 5.83 -7.13 23.09
C LEU A 463 4.89 -5.95 22.93
N ASN A 464 4.64 -5.20 24.02
CA ASN A 464 3.83 -3.98 24.03
C ASN A 464 4.62 -2.86 23.37
N TRP A 465 5.95 -2.84 23.58
CA TRP A 465 6.89 -1.86 23.02
C TRP A 465 7.25 -2.17 21.56
N ILE A 466 7.02 -3.42 21.08
CA ILE A 466 7.16 -3.78 19.67
C ILE A 466 5.99 -3.07 18.98
N GLY A 467 4.83 -3.14 19.64
CA GLY A 467 3.59 -2.49 19.25
C GLY A 467 3.70 -0.98 19.31
N TYR A 468 4.42 -0.44 20.33
CA TYR A 468 4.62 1.01 20.48
C TYR A 468 5.54 1.59 19.40
N VAL A 469 6.58 0.82 19.00
CA VAL A 469 7.57 1.23 17.99
C VAL A 469 6.84 1.35 16.61
N ASN A 470 5.76 0.56 16.39
CA ASN A 470 4.94 0.58 15.16
C ASN A 470 4.29 1.96 14.91
N SER A 471 4.19 2.80 15.95
CA SER A 471 3.66 4.16 15.84
C SER A 471 4.62 5.06 15.05
N GLY A 472 5.91 4.70 15.00
CA GLY A 472 6.94 5.46 14.31
C GLY A 472 7.46 4.88 13.01
N PHE A 473 6.94 3.70 12.59
CA PHE A 473 7.34 3.01 11.36
C PHE A 473 6.54 3.45 10.12
N ASN A 474 5.22 3.71 10.30
CA ASN A 474 4.30 4.16 9.25
C ASN A 474 4.83 5.41 8.53
N PRO A 475 5.40 6.46 9.21
CA PRO A 475 5.97 7.61 8.45
C PRO A 475 7.14 7.25 7.52
N LEU A 476 7.86 6.14 7.81
CA LEU A 476 9.01 5.68 7.01
C LEU A 476 8.54 4.84 5.81
N ILE A 477 7.32 4.29 5.87
CA ILE A 477 6.74 3.48 4.80
C ILE A 477 6.00 4.41 3.83
N TYR A 478 5.65 5.66 4.25
CA TYR A 478 5.03 6.62 3.34
C TYR A 478 6.08 7.20 2.41
N CYS A 479 7.37 6.97 2.70
CA CYS A 479 8.50 7.40 1.89
C CYS A 479 8.56 6.61 0.57
N ARG A 480 7.81 5.49 0.46
CA ARG A 480 7.70 4.66 -0.75
C ARG A 480 6.91 5.39 -1.85
N SER A 481 5.83 6.11 -1.44
CA SER A 481 4.96 6.89 -2.31
C SER A 481 5.69 8.13 -2.80
N PRO A 482 5.82 8.34 -4.14
CA PRO A 482 6.53 9.53 -4.65
C PRO A 482 5.86 10.85 -4.28
N ASP A 483 4.52 10.86 -4.14
CA ASP A 483 3.73 12.03 -3.75
C ASP A 483 4.12 12.53 -2.34
N PHE A 484 4.42 11.58 -1.41
CA PHE A 484 4.84 11.87 -0.03
C PHE A 484 6.35 12.15 0.04
N ARG A 485 7.14 11.42 -0.77
CA ARG A 485 8.60 11.55 -0.91
C ARG A 485 8.96 12.99 -1.25
N ILE A 486 8.22 13.55 -2.24
CA ILE A 486 8.33 14.91 -2.75
C ILE A 486 7.82 15.91 -1.69
N ALA A 487 6.76 15.56 -0.94
CA ALA A 487 6.20 16.39 0.11
C ALA A 487 7.14 16.52 1.30
N PHE A 488 7.77 15.40 1.69
CA PHE A 488 8.70 15.33 2.81
C PHE A 488 9.96 16.16 2.55
N GLN A 489 10.62 15.95 1.39
CA GLN A 489 11.85 16.66 1.00
C GLN A 489 11.61 18.18 0.87
N GLU A 490 10.37 18.59 0.63
CA GLU A 490 9.99 20.00 0.53
C GLU A 490 9.90 20.60 1.93
N LEU A 491 9.27 19.88 2.88
CA LEU A 491 9.12 20.35 4.27
C LEU A 491 10.48 20.39 4.98
N LEU A 492 11.33 19.37 4.77
CA LEU A 492 12.66 19.25 5.39
C LEU A 492 13.74 20.10 4.69
N CYS A 493 13.39 20.77 3.57
CA CYS A 493 14.26 21.63 2.76
C CYS A 493 15.52 20.86 2.29
N LEU A 494 15.32 19.88 1.38
CA LEU A 494 16.38 19.03 0.83
C LEU A 494 16.46 19.12 -0.72
#